data_6TPE
#
_entry.id   6TPE
#
_cell.length_a   42.423
_cell.length_b   169.558
_cell.length_c   43.245
_cell.angle_alpha   90.000
_cell.angle_beta   90.540
_cell.angle_gamma   90.000
#
_symmetry.space_group_name_H-M   'P 1 21 1'
#
loop_
_entity.id
_entity.type
_entity.pdbx_description
1 polymer 'Tyrosine-protein kinase JAK1'
2 non-polymer 2-[4-(3-methyl-6-oxidanylidene-1,7-dihydropyrazolo[3,4-b]pyridin-4-yl)cyclohexyl]ethanenitrile
#
_entity_poly.entity_id   1
_entity_poly.type   'polypeptide(L)'
_entity_poly.pdbx_seq_one_letter_code
;EVDPTHFEKRFLKRIRDLGEGHFGKVELCRYDPEGDNTGEQVAVKSLKPESGGNHIADLKKEIEILRNLYHENIVKYKGI
CTEDGGNGIKLIMEFLPSGSLKEYLPKNKNKINLKQQLKYAVQICKGMDYLGSRQYVHRDLAARNVLVESEHQVKIGDFG
LTKAIETDKE(PTR)(PTR)TVKDDRDSPVFWYAPECLMQSKFYIASDVWSFGVTLHELLTYCDSDSSPMALFLKMIGPT
HGQMTVTRLVNTLKEGKRLPCPPNCPDEVYQLMRKCWEFQPSNRTSFQNLIEGFEALLK
;
_entity_poly.pdbx_strand_id   A,B
#
loop_
_chem_comp.id
_chem_comp.type
_chem_comp.name
_chem_comp.formula
NTW non-polymer 2-[4-(3-methyl-6-oxidanylidene-1,7-dihydropyrazolo[3,4-b]pyridin-4-yl)cyclohexyl]ethanenitrile 'C15 H18 N4 O'
#
# COMPACT_ATOMS: atom_id res chain seq x y z
N GLU A 1 -42.41 -18.96 -26.49
CA GLU A 1 -42.58 -17.59 -25.90
C GLU A 1 -41.25 -16.85 -25.78
N VAL A 2 -41.30 -15.52 -25.97
CA VAL A 2 -40.10 -14.67 -25.96
C VAL A 2 -39.99 -13.88 -24.66
N ASP A 3 -38.94 -14.16 -23.89
CA ASP A 3 -38.61 -13.41 -22.68
C ASP A 3 -37.91 -12.11 -23.10
N PRO A 4 -38.46 -10.93 -22.72
CA PRO A 4 -37.80 -9.66 -23.10
C PRO A 4 -36.45 -9.40 -22.41
N THR A 5 -36.23 -9.99 -21.23
CA THR A 5 -34.96 -9.88 -20.50
C THR A 5 -33.87 -10.86 -20.98
N HIS A 6 -34.21 -11.78 -21.90
CA HIS A 6 -33.25 -12.71 -22.48
C HIS A 6 -32.66 -12.15 -23.78
N PHE A 7 -31.46 -11.59 -23.69
CA PHE A 7 -30.76 -11.00 -24.83
C PHE A 7 -29.79 -12.01 -25.45
N GLU A 8 -29.98 -12.32 -26.73
CA GLU A 8 -29.08 -13.21 -27.47
C GLU A 8 -27.75 -12.52 -27.74
N LYS A 9 -26.65 -13.26 -27.61
CA LYS A 9 -25.29 -12.71 -27.82
C LYS A 9 -25.00 -12.36 -29.28
N ARG A 10 -25.58 -13.12 -30.20
CA ARG A 10 -25.36 -12.92 -31.65
C ARG A 10 -25.88 -11.58 -32.18
N PHE A 11 -27.06 -11.17 -31.71
CA PHE A 11 -27.65 -9.89 -32.08
C PHE A 11 -26.96 -8.68 -31.43
N LEU A 12 -26.34 -8.89 -30.28
CA LEU A 12 -25.69 -7.82 -29.51
C LEU A 12 -24.34 -7.43 -30.14
N LYS A 13 -24.29 -6.23 -30.72
CA LYS A 13 -23.09 -5.71 -31.42
C LYS A 13 -22.52 -4.48 -30.72
N ARG A 14 -21.18 -4.43 -30.57
CA ARG A 14 -20.50 -3.38 -29.81
C ARG A 14 -20.44 -2.03 -30.56
N ILE A 15 -20.41 -0.94 -29.78
CA ILE A 15 -20.20 0.42 -30.28
C ILE A 15 -18.93 1.04 -29.68
N ARG A 16 -18.84 1.10 -28.36
CA ARG A 16 -17.63 1.60 -27.68
C ARG A 16 -17.55 1.16 -26.21
N ASP A 17 -16.35 1.27 -25.65
CA ASP A 17 -16.14 1.04 -24.21
C ASP A 17 -16.52 2.29 -23.42
N LEU A 18 -17.40 2.11 -22.44
CA LEU A 18 -17.89 3.18 -21.57
C LEU A 18 -17.03 3.31 -20.32
N GLY A 19 -16.76 2.18 -19.67
CA GLY A 19 -15.91 2.13 -18.48
C GLY A 19 -15.48 0.72 -18.12
N GLU A 20 -14.55 0.63 -17.17
CA GLU A 20 -14.04 -0.65 -16.67
C GLU A 20 -13.89 -0.58 -15.14
N GLY A 21 -14.38 -1.61 -14.46
CA GLY A 21 -14.41 -1.66 -12.99
C GLY A 21 -13.75 -2.90 -12.42
N HIS A 22 -12.45 -2.80 -12.18
CA HIS A 22 -11.63 -3.86 -11.57
C HIS A 22 -11.52 -5.13 -12.43
N PHE A 23 -12.60 -5.90 -12.52
CA PHE A 23 -12.66 -7.13 -13.34
C PHE A 23 -13.72 -7.08 -14.43
N GLY A 24 -14.90 -6.53 -14.12
CA GLY A 24 -15.95 -6.31 -15.11
C GLY A 24 -15.66 -5.10 -16.00
N LYS A 25 -15.97 -5.23 -17.29
CA LYS A 25 -15.86 -4.14 -18.26
C LYS A 25 -17.23 -3.85 -18.89
N VAL A 26 -17.58 -2.56 -18.95
CA VAL A 26 -18.88 -2.12 -19.46
C VAL A 26 -18.69 -1.51 -20.84
N GLU A 27 -19.45 -2.01 -21.81
CA GLU A 27 -19.35 -1.62 -23.20
C GLU A 27 -20.72 -1.22 -23.74
N LEU A 28 -20.76 -0.12 -24.50
CA LEU A 28 -21.97 0.29 -25.21
C LEU A 28 -22.18 -0.65 -26.39
N CYS A 29 -23.39 -1.20 -26.50
CA CYS A 29 -23.74 -2.12 -27.58
C CYS A 29 -25.15 -1.85 -28.12
N ARG A 30 -25.32 -2.10 -29.41
CA ARG A 30 -26.63 -2.02 -30.06
C ARG A 30 -27.20 -3.43 -30.20
N TYR A 31 -28.32 -3.69 -29.51
CA TYR A 31 -29.03 -4.96 -29.63
C TYR A 31 -29.99 -4.86 -30.82
N ASP A 32 -29.57 -5.41 -31.96
CA ASP A 32 -30.26 -5.25 -33.24
C ASP A 32 -30.56 -6.61 -33.91
N PRO A 33 -31.70 -7.24 -33.53
CA PRO A 33 -32.17 -8.49 -34.14
C PRO A 33 -32.38 -8.47 -35.66
N GLU A 34 -33.10 -7.46 -36.14
CA GLU A 34 -33.44 -7.36 -37.57
C GLU A 34 -32.24 -7.05 -38.48
N GLY A 35 -31.17 -6.49 -37.90
CA GLY A 35 -29.89 -6.35 -38.59
C GLY A 35 -29.83 -5.22 -39.61
N ASP A 36 -30.25 -4.03 -39.17
CA ASP A 36 -30.17 -2.82 -39.99
C ASP A 36 -29.85 -1.55 -39.17
N ASN A 37 -29.13 -1.71 -38.06
CA ASN A 37 -28.74 -0.62 -37.16
C ASN A 37 -29.91 0.26 -36.67
N THR A 38 -31.04 -0.39 -36.38
CA THR A 38 -32.22 0.24 -35.78
C THR A 38 -32.46 -0.25 -34.34
N GLY A 39 -31.53 -1.02 -33.80
CA GLY A 39 -31.69 -1.68 -32.50
C GLY A 39 -31.54 -0.75 -31.32
N GLU A 40 -31.97 -1.23 -30.15
CA GLU A 40 -31.90 -0.47 -28.90
C GLU A 40 -30.47 -0.43 -28.38
N GLN A 41 -29.99 0.77 -28.07
CA GLN A 41 -28.67 0.94 -27.44
C GLN A 41 -28.76 0.56 -25.97
N VAL A 42 -27.95 -0.41 -25.55
CA VAL A 42 -27.93 -0.91 -24.17
C VAL A 42 -26.51 -0.95 -23.61
N ALA A 43 -26.38 -0.66 -22.32
CA ALA A 43 -25.11 -0.82 -21.61
C ALA A 43 -24.91 -2.30 -21.30
N VAL A 44 -23.72 -2.83 -21.62
CA VAL A 44 -23.43 -4.27 -21.52
C VAL A 44 -22.19 -4.50 -20.66
N LYS A 45 -22.42 -4.88 -19.40
CA LYS A 45 -21.35 -5.24 -18.48
C LYS A 45 -21.01 -6.72 -18.62
N SER A 46 -19.72 -7.03 -18.60
CA SER A 46 -19.21 -8.40 -18.76
C SER A 46 -17.79 -8.52 -18.24
N LEU A 47 -17.35 -9.76 -18.02
CA LEU A 47 -16.04 -10.03 -17.41
C LEU A 47 -14.87 -9.79 -18.36
N LYS A 48 -13.85 -9.08 -17.87
CA LYS A 48 -12.59 -8.90 -18.61
C LYS A 48 -11.76 -10.19 -18.50
N PRO A 49 -11.23 -10.71 -19.64
CA PRO A 49 -10.49 -11.96 -19.59
C PRO A 49 -9.07 -11.78 -19.06
N ASN A 54 -12.02 -17.34 -11.47
CA ASN A 54 -13.03 -16.52 -12.15
C ASN A 54 -13.88 -15.70 -11.18
N HIS A 55 -14.41 -14.58 -11.69
CA HIS A 55 -15.32 -13.69 -10.93
C HIS A 55 -16.76 -13.74 -11.48
N ILE A 56 -17.20 -14.93 -11.91
CA ILE A 56 -18.55 -15.12 -12.44
C ILE A 56 -19.58 -15.05 -11.31
N ALA A 57 -19.27 -15.69 -10.18
CA ALA A 57 -20.11 -15.64 -8.98
C ALA A 57 -20.33 -14.21 -8.46
N ASP A 58 -19.30 -13.38 -8.53
CA ASP A 58 -19.38 -11.96 -8.14
C ASP A 58 -20.30 -11.17 -9.07
N LEU A 59 -20.16 -11.39 -10.38
CA LEU A 59 -21.01 -10.76 -11.39
C LEU A 59 -22.46 -11.27 -11.33
N LYS A 60 -22.62 -12.58 -11.12
CA LYS A 60 -23.95 -13.18 -10.93
C LYS A 60 -24.67 -12.63 -9.70
N LYS A 61 -23.94 -12.42 -8.61
CA LYS A 61 -24.46 -11.76 -7.41
C LYS A 61 -24.81 -10.29 -7.67
N GLU A 62 -23.97 -9.59 -8.42
CA GLU A 62 -24.25 -8.21 -8.87
C GLU A 62 -25.52 -8.13 -9.72
N ILE A 63 -25.68 -9.08 -10.65
CA ILE A 63 -26.86 -9.14 -11.52
C ILE A 63 -28.16 -9.29 -10.72
N GLU A 64 -28.15 -10.22 -9.76
CA GLU A 64 -29.34 -10.50 -8.94
C GLU A 64 -29.67 -9.37 -7.96
N ILE A 65 -28.65 -8.63 -7.53
CA ILE A 65 -28.85 -7.39 -6.77
C ILE A 65 -29.63 -6.38 -7.62
N LEU A 66 -29.08 -6.06 -8.79
CA LEU A 66 -29.64 -5.02 -9.67
C LEU A 66 -31.03 -5.34 -10.24
N ARG A 67 -31.28 -6.61 -10.56
CA ARG A 67 -32.58 -7.05 -11.07
C ARG A 67 -33.74 -6.70 -10.14
N ASN A 68 -33.51 -6.86 -8.84
CA ASN A 68 -34.54 -6.63 -7.80
C ASN A 68 -34.57 -5.21 -7.21
N LEU A 69 -33.63 -4.35 -7.60
CA LEU A 69 -33.68 -2.93 -7.25
C LEU A 69 -34.60 -2.19 -8.23
N TYR A 70 -35.64 -1.55 -7.70
CA TYR A 70 -36.56 -0.70 -8.48
C TYR A 70 -36.63 0.68 -7.84
N HIS A 71 -36.00 1.67 -8.47
CA HIS A 71 -35.95 3.05 -7.95
C HIS A 71 -35.58 4.03 -9.08
N GLU A 72 -36.10 5.25 -9.00
CA GLU A 72 -35.89 6.25 -10.06
C GLU A 72 -34.43 6.72 -10.19
N ASN A 73 -33.76 6.91 -9.06
CA ASN A 73 -32.33 7.22 -9.00
C ASN A 73 -31.37 6.01 -8.93
N ILE A 74 -31.81 4.87 -9.48
CA ILE A 74 -30.96 3.68 -9.67
C ILE A 74 -31.14 3.21 -11.11
N VAL A 75 -30.04 2.81 -11.74
CA VAL A 75 -30.06 2.35 -13.14
C VAL A 75 -30.97 1.11 -13.31
N LYS A 76 -31.68 1.08 -14.43
CA LYS A 76 -32.62 0.00 -14.73
C LYS A 76 -31.88 -1.23 -15.24
N TYR A 77 -32.16 -2.37 -14.60
CA TYR A 77 -31.84 -3.69 -15.17
C TYR A 77 -32.72 -3.88 -16.41
N LYS A 78 -32.09 -4.17 -17.54
CA LYS A 78 -32.81 -4.50 -18.78
C LYS A 78 -32.87 -6.02 -18.98
N GLY A 79 -31.75 -6.70 -18.79
CA GLY A 79 -31.72 -8.16 -18.91
C GLY A 79 -30.35 -8.79 -18.72
N ILE A 80 -30.24 -10.03 -19.17
CA ILE A 80 -28.98 -10.77 -19.16
C ILE A 80 -28.70 -11.43 -20.51
N CYS A 81 -27.42 -11.68 -20.78
CA CYS A 81 -26.98 -12.45 -21.94
C CYS A 81 -26.07 -13.58 -21.45
N THR A 82 -26.59 -14.81 -21.52
CA THR A 82 -25.86 -16.00 -21.05
C THR A 82 -24.90 -16.50 -22.13
N GLY A 86 -22.64 -23.46 -23.13
CA GLY A 86 -21.53 -22.81 -22.45
C GLY A 86 -21.95 -21.90 -21.32
N ASN A 87 -21.00 -21.62 -20.42
CA ASN A 87 -21.24 -20.75 -19.25
C ASN A 87 -20.76 -19.33 -19.58
N GLY A 88 -20.61 -18.47 -18.56
CA GLY A 88 -20.22 -17.07 -18.77
C GLY A 88 -21.46 -16.22 -19.00
N ILE A 89 -21.58 -15.13 -18.25
CA ILE A 89 -22.80 -14.30 -18.24
C ILE A 89 -22.46 -12.80 -18.43
N LYS A 90 -23.38 -12.08 -19.07
CA LYS A 90 -23.26 -10.63 -19.29
C LYS A 90 -24.49 -9.91 -18.73
N LEU A 91 -24.24 -8.80 -18.04
CA LEU A 91 -25.31 -7.95 -17.46
C LEU A 91 -25.70 -6.85 -18.45
N ILE A 92 -26.97 -6.85 -18.87
CA ILE A 92 -27.50 -5.86 -19.82
C ILE A 92 -28.31 -4.80 -19.04
N MET A 93 -27.83 -3.56 -19.09
CA MET A 93 -28.47 -2.43 -18.40
C MET A 93 -28.93 -1.38 -19.42
N GLU A 94 -29.68 -0.39 -18.94
CA GLU A 94 -30.12 0.73 -19.79
C GLU A 94 -28.96 1.66 -20.09
N PHE A 95 -29.04 2.38 -21.21
CA PHE A 95 -27.98 3.29 -21.64
C PHE A 95 -28.36 4.75 -21.41
N LEU A 96 -27.60 5.41 -20.53
CA LEU A 96 -27.72 6.85 -20.31
C LEU A 96 -26.66 7.54 -21.18
N PRO A 97 -27.08 8.23 -22.27
CA PRO A 97 -26.10 8.80 -23.22
C PRO A 97 -25.27 9.97 -22.68
N SER A 98 -25.86 10.81 -21.83
CA SER A 98 -25.15 11.95 -21.23
C SER A 98 -23.94 11.52 -20.39
N GLY A 99 -24.00 10.31 -19.84
CA GLY A 99 -22.85 9.68 -19.18
C GLY A 99 -22.78 9.95 -17.69
N SER A 100 -21.62 9.69 -17.11
CA SER A 100 -21.40 9.89 -15.68
C SER A 100 -21.11 11.37 -15.36
N LEU A 101 -21.20 11.71 -14.08
CA LEU A 101 -20.84 13.04 -13.58
C LEU A 101 -19.39 13.42 -13.89
N LYS A 102 -18.50 12.42 -13.91
CA LYS A 102 -17.09 12.62 -14.28
C LYS A 102 -16.94 13.22 -15.69
N GLU A 103 -17.71 12.71 -16.64
CA GLU A 103 -17.70 13.21 -18.03
C GLU A 103 -18.64 14.40 -18.24
N TYR A 104 -19.80 14.38 -17.58
CA TYR A 104 -20.87 15.37 -17.79
C TYR A 104 -20.55 16.74 -17.18
N LEU A 105 -20.18 16.76 -15.90
CA LEU A 105 -20.01 18.01 -15.14
C LEU A 105 -18.97 19.01 -15.68
N PRO A 106 -17.81 18.52 -16.15
CA PRO A 106 -16.85 19.44 -16.81
C PRO A 106 -17.38 20.07 -18.10
N LYS A 107 -18.09 19.27 -18.90
CA LYS A 107 -18.65 19.73 -20.18
C LYS A 107 -19.93 20.57 -20.07
N ASN A 108 -20.60 20.54 -18.91
CA ASN A 108 -21.88 21.23 -18.69
C ASN A 108 -21.91 22.09 -17.43
N LYS A 109 -20.85 22.87 -17.21
CA LYS A 109 -20.78 23.79 -16.05
C LYS A 109 -21.78 24.95 -16.15
N ASN A 110 -22.09 25.37 -17.38
CA ASN A 110 -23.03 26.48 -17.64
C ASN A 110 -24.48 26.12 -17.26
N LYS A 111 -24.91 24.93 -17.67
CA LYS A 111 -26.26 24.42 -17.35
C LYS A 111 -26.44 24.12 -15.86
N ILE A 112 -25.45 23.45 -15.27
CA ILE A 112 -25.54 22.95 -13.89
C ILE A 112 -25.06 24.00 -12.89
N ASN A 113 -25.99 24.49 -12.06
CA ASN A 113 -25.72 25.45 -10.98
C ASN A 113 -25.84 24.79 -9.60
N LEU A 114 -25.45 25.53 -8.56
CA LEU A 114 -25.50 25.04 -7.16
C LEU A 114 -26.85 24.45 -6.78
N LYS A 115 -27.93 25.13 -7.16
CA LYS A 115 -29.29 24.64 -6.92
C LYS A 115 -29.53 23.27 -7.56
N GLN A 116 -29.05 23.09 -8.80
CA GLN A 116 -29.13 21.81 -9.50
C GLN A 116 -28.18 20.75 -8.94
N GLN A 117 -27.00 21.20 -8.48
CA GLN A 117 -26.02 20.31 -7.83
C GLN A 117 -26.55 19.68 -6.55
N LEU A 118 -27.23 20.48 -5.72
CA LEU A 118 -27.87 19.98 -4.49
C LEU A 118 -29.04 19.04 -4.79
N LYS A 119 -29.75 19.27 -5.90
CA LYS A 119 -30.81 18.36 -6.35
C LYS A 119 -30.25 16.99 -6.77
N TYR A 120 -29.12 17.00 -7.48
CA TYR A 120 -28.38 15.76 -7.79
C TYR A 120 -27.93 15.05 -6.51
N ALA A 121 -27.43 15.82 -5.55
CA ALA A 121 -26.96 15.30 -4.26
C ALA A 121 -28.07 14.60 -3.46
N VAL A 122 -29.25 15.21 -3.41
CA VAL A 122 -30.44 14.61 -2.79
C VAL A 122 -30.82 13.29 -3.48
N GLN A 123 -30.82 13.31 -4.81
CA GLN A 123 -31.16 12.13 -5.62
C GLN A 123 -30.22 10.94 -5.42
N ILE A 124 -28.94 11.21 -5.18
CA ILE A 124 -27.96 10.16 -4.83
C ILE A 124 -28.31 9.55 -3.46
N CYS A 125 -28.56 10.42 -2.48
CA CYS A 125 -28.95 9.99 -1.13
C CYS A 125 -30.23 9.15 -1.12
N LYS A 126 -31.22 9.57 -1.90
CA LYS A 126 -32.47 8.81 -2.07
C LYS A 126 -32.23 7.41 -2.66
N GLY A 127 -31.30 7.32 -3.60
CA GLY A 127 -30.87 6.03 -4.15
C GLY A 127 -30.09 5.18 -3.15
N MET A 128 -29.19 5.83 -2.41
CA MET A 128 -28.37 5.14 -1.40
C MET A 128 -29.14 4.72 -0.14
N ASP A 129 -30.13 5.52 0.25
CA ASP A 129 -31.01 5.20 1.38
C ASP A 129 -31.93 4.02 1.04
N TYR A 130 -32.44 3.99 -0.19
CA TYR A 130 -33.17 2.84 -0.74
C TYR A 130 -32.31 1.57 -0.75
N LEU A 131 -31.05 1.73 -1.16
CA LEU A 131 -30.08 0.63 -1.20
C LEU A 131 -29.74 0.13 0.21
N GLY A 132 -29.47 1.07 1.12
CA GLY A 132 -29.18 0.76 2.52
C GLY A 132 -30.33 0.11 3.28
N SER A 133 -31.55 0.56 3.00
CA SER A 133 -32.77 -0.01 3.59
C SER A 133 -33.07 -1.44 3.13
N ARG A 134 -32.56 -1.83 1.96
CA ARG A 134 -32.67 -3.20 1.44
C ARG A 134 -31.46 -4.11 1.80
N GLN A 135 -30.78 -3.80 2.91
CA GLN A 135 -29.72 -4.63 3.49
C GLN A 135 -28.48 -4.81 2.58
N TYR A 136 -28.20 -3.80 1.74
CA TYR A 136 -27.03 -3.80 0.85
C TYR A 136 -26.08 -2.66 1.19
N VAL A 137 -24.80 -2.87 0.88
CA VAL A 137 -23.75 -1.86 1.07
C VAL A 137 -22.97 -1.71 -0.25
N HIS A 138 -22.82 -0.48 -0.71
CA HIS A 138 -22.35 -0.19 -2.09
C HIS A 138 -20.84 -0.36 -2.28
N ARG A 139 -20.07 0.22 -1.38
CA ARG A 139 -18.59 0.08 -1.34
C ARG A 139 -17.82 0.71 -2.51
N ASP A 140 -18.44 1.65 -3.22
CA ASP A 140 -17.85 2.26 -4.42
C ASP A 140 -18.57 3.54 -4.89
N LEU A 141 -19.09 4.34 -3.97
CA LEU A 141 -19.87 5.53 -4.33
C LEU A 141 -18.92 6.67 -4.70
N ALA A 142 -18.80 6.91 -5.99
CA ALA A 142 -18.00 8.03 -6.53
C ALA A 142 -18.69 8.59 -7.76
N ALA A 143 -18.26 9.79 -8.16
CA ALA A 143 -18.88 10.53 -9.28
C ALA A 143 -18.87 9.75 -10.61
N ARG A 144 -17.81 9.00 -10.86
CA ARG A 144 -17.72 8.10 -12.02
C ARG A 144 -18.84 7.02 -12.11
N ASN A 145 -19.40 6.64 -10.96
CA ASN A 145 -20.53 5.69 -10.88
C ASN A 145 -21.93 6.34 -10.85
N VAL A 146 -21.98 7.66 -10.62
CA VAL A 146 -23.24 8.42 -10.65
C VAL A 146 -23.50 8.88 -12.09
N LEU A 147 -24.54 8.32 -12.71
CA LEU A 147 -24.93 8.65 -14.08
C LEU A 147 -25.91 9.82 -14.18
N VAL A 148 -26.02 10.35 -15.40
CA VAL A 148 -26.90 11.48 -15.72
C VAL A 148 -27.97 11.01 -16.71
N GLU A 149 -29.19 10.88 -16.21
CA GLU A 149 -30.36 10.54 -17.04
C GLU A 149 -30.73 11.75 -17.92
N SER A 150 -30.94 12.88 -17.25
CA SER A 150 -31.21 14.16 -17.89
C SER A 150 -30.54 15.27 -17.09
N GLU A 151 -30.76 16.53 -17.46
CA GLU A 151 -30.23 17.67 -16.69
C GLU A 151 -30.86 17.78 -15.28
N HIS A 152 -32.05 17.21 -15.10
CA HIS A 152 -32.77 17.25 -13.80
C HIS A 152 -32.74 15.95 -12.99
N GLN A 153 -32.17 14.87 -13.55
CA GLN A 153 -32.18 13.55 -12.92
C GLN A 153 -30.81 12.85 -13.00
N VAL A 154 -30.38 12.27 -11.88
CA VAL A 154 -29.20 11.38 -11.83
C VAL A 154 -29.54 10.01 -11.26
N LYS A 155 -28.75 9.01 -11.65
CA LYS A 155 -28.90 7.63 -11.19
C LYS A 155 -27.55 7.05 -10.77
N ILE A 156 -27.58 6.08 -9.87
CA ILE A 156 -26.39 5.30 -9.52
C ILE A 156 -26.31 4.16 -10.53
N GLY A 157 -25.23 4.15 -11.33
CA GLY A 157 -25.10 3.24 -12.47
C GLY A 157 -24.03 2.17 -12.39
N ASP A 158 -23.69 1.73 -11.18
CA ASP A 158 -22.75 0.63 -10.99
C ASP A 158 -22.91 0.02 -9.60
N PHE A 159 -22.88 -1.30 -9.53
CA PHE A 159 -23.02 -2.06 -8.27
C PHE A 159 -22.05 -3.25 -8.24
N GLY A 160 -20.85 -3.05 -8.77
CA GLY A 160 -19.85 -4.11 -8.89
C GLY A 160 -19.22 -4.54 -7.57
N LEU A 161 -19.08 -3.60 -6.64
CA LEU A 161 -18.61 -3.88 -5.28
C LEU A 161 -19.74 -3.98 -4.25
N THR A 162 -21.00 -3.98 -4.70
CA THR A 162 -22.14 -3.98 -3.79
C THR A 162 -22.29 -5.36 -3.16
N LYS A 163 -22.37 -5.38 -1.82
CA LYS A 163 -22.46 -6.60 -1.04
C LYS A 163 -23.61 -6.51 -0.03
N ALA A 164 -24.16 -7.66 0.32
CA ALA A 164 -25.22 -7.75 1.32
C ALA A 164 -24.62 -7.74 2.73
N ILE A 165 -25.21 -6.95 3.62
CA ILE A 165 -24.84 -6.97 5.05
C ILE A 165 -25.29 -8.30 5.65
N GLU A 166 -24.41 -8.90 6.46
CA GLU A 166 -24.57 -10.27 6.94
C GLU A 166 -25.62 -10.41 8.04
N THR A 167 -25.95 -11.65 8.37
CA THR A 167 -26.97 -11.97 9.37
C THR A 167 -26.54 -11.62 10.79
N ASP A 168 -27.38 -10.86 11.50
CA ASP A 168 -27.14 -10.41 12.89
C ASP A 168 -25.84 -9.60 13.06
N LYS A 169 -25.49 -8.83 12.04
CA LYS A 169 -24.26 -8.02 12.02
C LYS A 169 -24.52 -6.70 11.29
N GLU A 170 -23.85 -5.64 11.72
CA GLU A 170 -24.02 -4.29 11.15
C GLU A 170 -22.94 -3.89 10.12
N PTR A 171 -22.18 -4.86 9.63
CA PTR A 171 -21.16 -4.60 8.59
C PTR A 171 -20.83 -5.82 7.78
O PTR A 171 -21.09 -6.96 8.21
CB PTR A 171 -19.89 -4.02 9.20
CG PTR A 171 -19.25 -4.84 10.30
CD1 PTR A 171 -19.55 -4.56 11.65
CD2 PTR A 171 -18.33 -5.85 10.00
CE1 PTR A 171 -18.95 -5.30 12.67
CE2 PTR A 171 -17.73 -6.59 11.02
CZ PTR A 171 -18.04 -6.33 12.36
OH PTR A 171 -17.46 -7.04 13.38
P PTR A 171 -17.71 -8.62 13.60
O1P PTR A 171 -16.77 -9.29 12.63
O2P PTR A 171 -17.35 -8.83 15.06
O3P PTR A 171 -19.18 -8.82 13.30
N PTR A 172 -20.25 -5.59 6.60
CA PTR A 172 -19.77 -6.66 5.71
C PTR A 172 -18.28 -6.79 5.91
O PTR A 172 -17.54 -5.81 5.73
CB PTR A 172 -20.07 -6.33 4.25
CG PTR A 172 -19.50 -7.39 3.33
CD1 PTR A 172 -18.42 -7.11 2.50
CD2 PTR A 172 -20.06 -8.68 3.31
CE1 PTR A 172 -17.90 -8.10 1.67
CE2 PTR A 172 -19.53 -9.66 2.47
CZ PTR A 172 -18.45 -9.38 1.63
OH PTR A 172 -17.86 -10.29 0.77
P PTR A 172 -18.36 -11.79 0.47
O1P PTR A 172 -17.42 -12.28 -0.61
O2P PTR A 172 -19.79 -11.63 0.01
O3P PTR A 172 -18.20 -12.51 1.79
N THR A 173 -17.84 -7.98 6.28
CA THR A 173 -16.41 -8.27 6.47
C THR A 173 -15.73 -8.41 5.11
N VAL A 174 -14.95 -7.40 4.73
CA VAL A 174 -14.30 -7.34 3.42
C VAL A 174 -13.10 -8.30 3.39
N LYS A 175 -13.06 -9.17 2.38
CA LYS A 175 -11.97 -10.12 2.18
C LYS A 175 -11.01 -9.59 1.10
N ASP A 176 -11.54 -9.44 -0.12
CA ASP A 176 -10.76 -8.98 -1.26
C ASP A 176 -10.89 -7.46 -1.40
N ASP A 177 -9.75 -6.78 -1.46
CA ASP A 177 -9.71 -5.31 -1.57
C ASP A 177 -8.41 -4.84 -2.25
N ARG A 178 -8.14 -5.44 -3.42
CA ARG A 178 -6.92 -5.14 -4.19
C ARG A 178 -7.00 -3.75 -4.81
N ASP A 179 -8.04 -3.53 -5.61
CA ASP A 179 -8.31 -2.24 -6.23
C ASP A 179 -9.53 -1.58 -5.58
N SER A 180 -9.28 -0.93 -4.44
CA SER A 180 -10.30 -0.20 -3.68
C SER A 180 -10.05 1.32 -3.78
N PRO A 181 -11.14 2.12 -3.95
CA PRO A 181 -10.99 3.58 -3.92
C PRO A 181 -10.71 4.11 -2.50
N VAL A 182 -9.43 4.10 -2.13
CA VAL A 182 -9.02 4.45 -0.75
C VAL A 182 -9.30 5.91 -0.35
N PHE A 183 -9.27 6.81 -1.33
CA PHE A 183 -9.57 8.24 -1.09
C PHE A 183 -11.08 8.57 -1.00
N TRP A 184 -11.93 7.60 -1.35
CA TRP A 184 -13.38 7.68 -1.12
C TRP A 184 -13.82 6.85 0.10
N TYR A 185 -12.87 6.19 0.78
CA TYR A 185 -13.16 5.21 1.83
C TYR A 185 -12.94 5.82 3.23
N ALA A 186 -13.80 5.44 4.17
CA ALA A 186 -13.70 5.89 5.57
C ALA A 186 -12.58 5.15 6.31
N PRO A 187 -12.11 5.71 7.45
CA PRO A 187 -11.02 5.08 8.23
C PRO A 187 -11.22 3.62 8.62
N GLU A 188 -12.40 3.26 9.11
CA GLU A 188 -12.69 1.86 9.47
C GLU A 188 -12.63 0.86 8.29
N CYS A 189 -12.89 1.35 7.08
CA CYS A 189 -12.71 0.57 5.85
C CYS A 189 -11.23 0.38 5.50
N LEU A 190 -10.44 1.43 5.70
CA LEU A 190 -9.00 1.37 5.47
C LEU A 190 -8.30 0.58 6.57
N MET A 191 -8.53 0.98 7.82
CA MET A 191 -7.89 0.37 9.00
C MET A 191 -8.35 -1.07 9.24
N GLN A 192 -9.59 -1.25 9.70
CA GLN A 192 -10.09 -2.56 10.14
C GLN A 192 -10.64 -3.44 9.01
N SER A 193 -10.83 -2.86 7.82
CA SER A 193 -11.32 -3.58 6.63
C SER A 193 -12.70 -4.22 6.82
N LYS A 194 -13.61 -3.45 7.42
CA LYS A 194 -15.00 -3.86 7.65
C LYS A 194 -15.93 -2.70 7.29
N PHE A 195 -16.85 -2.94 6.35
CA PHE A 195 -17.61 -1.88 5.68
C PHE A 195 -19.05 -1.76 6.19
N TYR A 196 -19.42 -0.58 6.68
CA TYR A 196 -20.74 -0.28 7.25
C TYR A 196 -21.60 0.50 6.23
N ILE A 197 -22.85 0.80 6.59
CA ILE A 197 -23.67 1.76 5.84
C ILE A 197 -23.16 3.18 6.08
N ALA A 198 -22.77 3.48 7.32
CA ALA A 198 -22.14 4.76 7.67
C ALA A 198 -20.87 5.05 6.86
N SER A 199 -20.19 3.98 6.41
CA SER A 199 -19.06 4.09 5.48
C SER A 199 -19.48 4.71 4.14
N ASP A 200 -20.61 4.26 3.60
CA ASP A 200 -21.17 4.81 2.35
C ASP A 200 -21.52 6.30 2.44
N VAL A 201 -21.83 6.79 3.64
CA VAL A 201 -22.04 8.22 3.88
C VAL A 201 -20.74 9.01 3.64
N TRP A 202 -19.62 8.49 4.15
CA TRP A 202 -18.28 9.04 3.87
C TRP A 202 -18.03 9.11 2.37
N SER A 203 -18.32 8.00 1.68
CA SER A 203 -18.19 7.91 0.22
C SER A 203 -19.06 8.92 -0.53
N PHE A 204 -20.28 9.16 -0.03
CA PHE A 204 -21.14 10.22 -0.56
C PHE A 204 -20.53 11.60 -0.35
N GLY A 205 -19.99 11.84 0.85
CA GLY A 205 -19.32 13.10 1.17
C GLY A 205 -18.23 13.48 0.18
N VAL A 206 -17.45 12.49 -0.25
CA VAL A 206 -16.40 12.68 -1.26
C VAL A 206 -17.01 12.84 -2.65
N THR A 207 -18.07 12.07 -2.94
CA THR A 207 -18.85 12.23 -4.18
C THR A 207 -19.50 13.63 -4.27
N LEU A 208 -19.97 14.14 -3.14
CA LEU A 208 -20.52 15.49 -3.05
C LEU A 208 -19.46 16.57 -3.29
N HIS A 209 -18.25 16.34 -2.80
CA HIS A 209 -17.11 17.21 -3.06
C HIS A 209 -16.74 17.19 -4.55
N GLU A 210 -16.67 15.98 -5.12
CA GLU A 210 -16.51 15.79 -6.57
C GLU A 210 -17.56 16.52 -7.40
N LEU A 211 -18.81 16.44 -6.96
CA LEU A 211 -19.94 17.09 -7.62
C LEU A 211 -19.83 18.62 -7.59
N LEU A 212 -19.55 19.16 -6.40
CA LEU A 212 -19.38 20.61 -6.21
C LEU A 212 -18.16 21.22 -6.93
N THR A 213 -17.13 20.40 -7.15
CA THR A 213 -15.94 20.81 -7.93
C THR A 213 -16.08 20.56 -9.45
N TYR A 214 -17.27 20.12 -9.90
CA TYR A 214 -17.56 19.77 -11.30
C TYR A 214 -16.63 18.68 -11.87
N CYS A 215 -16.22 17.74 -11.01
CA CYS A 215 -15.32 16.63 -11.37
C CYS A 215 -14.04 17.06 -12.11
N ASP A 216 -13.39 18.09 -11.59
CA ASP A 216 -12.11 18.54 -12.13
C ASP A 216 -11.02 17.58 -11.65
N SER A 217 -10.22 17.09 -12.59
CA SER A 217 -9.13 16.15 -12.29
C SER A 217 -8.01 16.77 -11.46
N ASP A 218 -7.72 18.04 -11.72
CA ASP A 218 -6.70 18.79 -10.98
C ASP A 218 -7.04 18.99 -9.49
N SER A 219 -8.34 18.99 -9.16
CA SER A 219 -8.82 19.06 -7.78
C SER A 219 -9.70 17.87 -7.42
N SER A 220 -9.31 16.68 -7.88
CA SER A 220 -10.02 15.43 -7.52
C SER A 220 -9.68 15.03 -6.08
N PRO A 221 -10.44 14.08 -5.49
CA PRO A 221 -10.08 13.58 -4.15
C PRO A 221 -8.70 12.93 -4.08
N MET A 222 -8.38 12.08 -5.06
CA MET A 222 -7.05 11.48 -5.19
C MET A 222 -5.97 12.57 -5.27
N ALA A 223 -6.17 13.52 -6.19
CA ALA A 223 -5.21 14.61 -6.42
C ALA A 223 -4.99 15.51 -5.20
N LEU A 224 -6.08 15.88 -4.51
CA LEU A 224 -6.00 16.76 -3.33
C LEU A 224 -5.36 16.07 -2.12
N PHE A 225 -5.80 14.84 -1.84
CA PHE A 225 -5.19 14.04 -0.75
C PHE A 225 -3.69 13.81 -0.99
N LEU A 226 -3.33 13.48 -2.24
CA LEU A 226 -1.92 13.32 -2.63
C LEU A 226 -1.08 14.59 -2.45
N LYS A 227 -1.70 15.76 -2.63
CA LYS A 227 -1.03 17.04 -2.36
C LYS A 227 -0.76 17.24 -0.86
N MET A 228 -1.68 16.77 -0.02
CA MET A 228 -1.53 16.85 1.45
C MET A 228 -0.54 15.82 1.97
N ILE A 229 -0.79 14.54 1.67
CA ILE A 229 -0.01 13.42 2.24
C ILE A 229 1.37 13.26 1.58
N GLY A 230 1.43 13.45 0.27
CA GLY A 230 2.64 13.27 -0.53
C GLY A 230 2.34 12.49 -1.80
N PRO A 231 2.86 12.96 -2.97
CA PRO A 231 2.46 12.39 -4.25
C PRO A 231 3.02 10.99 -4.55
N THR A 232 4.26 10.73 -4.14
CA THR A 232 4.98 9.50 -4.50
C THR A 232 5.48 8.73 -3.27
N HIS A 233 4.56 8.02 -2.61
CA HIS A 233 4.87 7.10 -1.50
C HIS A 233 4.48 5.63 -1.75
N GLY A 234 3.61 5.37 -2.73
CA GLY A 234 3.31 4.02 -3.20
C GLY A 234 2.59 3.13 -2.21
N GLN A 235 3.32 2.16 -1.65
CA GLN A 235 2.78 1.17 -0.73
C GLN A 235 2.33 1.76 0.62
N MET A 236 3.03 2.79 1.08
CA MET A 236 2.72 3.48 2.35
C MET A 236 1.59 4.51 2.26
N THR A 237 1.15 4.84 1.06
CA THR A 237 0.10 5.85 0.81
C THR A 237 -1.14 5.71 1.68
N VAL A 238 -1.64 4.48 1.84
CA VAL A 238 -2.89 4.23 2.59
C VAL A 238 -2.69 4.40 4.10
N THR A 239 -1.56 3.94 4.62
CA THR A 239 -1.23 4.13 6.05
C THR A 239 -0.91 5.60 6.36
N ARG A 240 -0.29 6.30 5.41
CA ARG A 240 -0.12 7.75 5.46
C ARG A 240 -1.47 8.49 5.44
N LEU A 241 -2.35 8.04 4.55
CA LEU A 241 -3.71 8.59 4.40
C LEU A 241 -4.54 8.50 5.68
N VAL A 242 -4.44 7.37 6.38
CA VAL A 242 -5.11 7.18 7.68
C VAL A 242 -4.54 8.14 8.72
N ASN A 243 -3.21 8.19 8.82
CA ASN A 243 -2.51 9.06 9.79
C ASN A 243 -2.82 10.56 9.61
N THR A 244 -3.10 10.96 8.37
CA THR A 244 -3.56 12.32 8.04
C THR A 244 -4.98 12.55 8.56
N LEU A 245 -5.87 11.60 8.29
CA LEU A 245 -7.24 11.63 8.82
C LEU A 245 -7.31 11.51 10.35
N LYS A 246 -6.35 10.81 10.94
CA LYS A 246 -6.22 10.71 12.41
C LYS A 246 -5.91 12.07 13.06
N GLU A 247 -5.00 12.81 12.45
CA GLU A 247 -4.68 14.19 12.89
C GLU A 247 -5.89 15.14 12.86
N GLY A 248 -6.77 14.92 11.88
CA GLY A 248 -8.00 15.70 11.71
C GLY A 248 -7.88 16.65 10.54
N LYS A 249 -7.52 16.10 9.38
CA LYS A 249 -7.30 16.86 8.15
C LYS A 249 -8.19 16.30 7.04
N ARG A 250 -9.19 17.09 6.66
CA ARG A 250 -10.18 16.70 5.65
C ARG A 250 -9.96 17.46 4.35
N LEU A 251 -10.75 17.11 3.32
CA LEU A 251 -10.75 17.83 2.05
C LEU A 251 -11.29 19.25 2.28
N PRO A 252 -10.62 20.27 1.71
CA PRO A 252 -11.07 21.65 1.93
C PRO A 252 -12.36 21.98 1.19
N CYS A 253 -13.00 23.07 1.61
CA CYS A 253 -14.24 23.54 0.97
C CYS A 253 -13.96 23.89 -0.49
N PRO A 254 -14.82 23.42 -1.43
CA PRO A 254 -14.63 23.82 -2.83
C PRO A 254 -14.77 25.33 -3.06
N PRO A 255 -14.27 25.84 -4.21
CA PRO A 255 -14.45 27.25 -4.51
C PRO A 255 -15.89 27.53 -4.95
N ASN A 256 -16.45 28.63 -4.43
CA ASN A 256 -17.87 28.99 -4.62
C ASN A 256 -18.85 27.95 -4.03
N CYS A 257 -18.47 27.36 -2.89
CA CYS A 257 -19.32 26.44 -2.13
C CYS A 257 -19.64 27.07 -0.78
N PRO A 258 -20.94 27.16 -0.40
CA PRO A 258 -21.27 27.73 0.91
C PRO A 258 -20.82 26.89 2.11
N ASP A 259 -20.66 27.54 3.25
CA ASP A 259 -20.28 26.87 4.50
C ASP A 259 -21.38 25.96 5.03
N GLU A 260 -22.64 26.35 4.82
CA GLU A 260 -23.80 25.52 5.17
C GLU A 260 -23.86 24.21 4.38
N VAL A 261 -23.37 24.23 3.15
CA VAL A 261 -23.24 23.01 2.33
C VAL A 261 -22.04 22.20 2.82
N TYR A 262 -20.90 22.87 2.98
CA TYR A 262 -19.65 22.25 3.43
C TYR A 262 -19.72 21.64 4.83
N GLN A 263 -20.52 22.24 5.72
CA GLN A 263 -20.72 21.69 7.08
C GLN A 263 -21.49 20.37 7.08
N LEU A 264 -22.47 20.23 6.19
CA LEU A 264 -23.17 18.97 5.97
C LEU A 264 -22.25 17.91 5.34
N MET A 265 -21.36 18.36 4.46
CA MET A 265 -20.30 17.52 3.89
C MET A 265 -19.29 17.08 4.96
N ARG A 266 -18.95 17.99 5.87
CA ARG A 266 -18.09 17.67 7.03
C ARG A 266 -18.72 16.66 8.00
N LYS A 267 -20.05 16.72 8.16
CA LYS A 267 -20.79 15.73 8.97
C LYS A 267 -20.74 14.30 8.41
N CYS A 268 -20.55 14.18 7.10
CA CYS A 268 -20.29 12.87 6.46
C CYS A 268 -18.90 12.31 6.77
N TRP A 269 -17.97 13.15 7.23
CA TRP A 269 -16.61 12.72 7.56
C TRP A 269 -16.25 12.81 9.05
N GLU A 270 -17.21 12.52 9.93
CA GLU A 270 -16.90 12.32 11.36
C GLU A 270 -16.17 10.98 11.50
N PHE A 271 -15.16 10.94 12.37
CA PHE A 271 -14.23 9.80 12.45
C PHE A 271 -14.92 8.48 12.76
N GLN A 272 -15.63 8.43 13.89
CA GLN A 272 -16.38 7.24 14.28
C GLN A 272 -17.70 7.15 13.49
N PRO A 273 -18.02 5.96 12.91
CA PRO A 273 -19.30 5.83 12.17
C PRO A 273 -20.58 5.98 13.02
N SER A 274 -20.50 5.61 14.30
CA SER A 274 -21.66 5.69 15.22
C SER A 274 -22.22 7.11 15.38
N ASN A 275 -21.33 8.11 15.39
CA ASN A 275 -21.71 9.52 15.48
C ASN A 275 -21.53 10.27 14.15
N ARG A 276 -21.96 9.62 13.06
CA ARG A 276 -21.95 10.19 11.73
C ARG A 276 -23.39 10.36 11.22
N THR A 277 -23.60 11.36 10.37
CA THR A 277 -24.94 11.63 9.80
C THR A 277 -25.36 10.52 8.82
N SER A 278 -26.66 10.47 8.50
CA SER A 278 -27.20 9.48 7.56
C SER A 278 -27.78 10.14 6.29
N PHE A 279 -28.23 9.30 5.37
CA PHE A 279 -28.76 9.76 4.08
C PHE A 279 -30.10 10.49 4.21
N GLN A 280 -31.02 9.93 4.99
CA GLN A 280 -32.33 10.57 5.25
C GLN A 280 -32.16 11.90 5.97
N ASN A 281 -31.18 11.98 6.86
CA ASN A 281 -30.80 13.23 7.53
C ASN A 281 -30.25 14.27 6.53
N LEU A 282 -29.39 13.81 5.63
CA LEU A 282 -28.81 14.67 4.58
C LEU A 282 -29.84 15.23 3.60
N ILE A 283 -30.88 14.46 3.29
CA ILE A 283 -31.99 14.92 2.43
C ILE A 283 -32.70 16.12 3.07
N GLU A 284 -32.98 16.02 4.38
CA GLU A 284 -33.57 17.14 5.14
C GLU A 284 -32.68 18.38 5.17
N GLY A 285 -31.36 18.16 5.23
CA GLY A 285 -30.37 19.24 5.24
C GLY A 285 -30.27 20.00 3.93
N PHE A 286 -30.19 19.27 2.82
CA PHE A 286 -30.09 19.87 1.48
C PHE A 286 -31.37 20.59 1.06
N GLU A 287 -32.51 19.94 1.29
CA GLU A 287 -33.83 20.49 0.95
C GLU A 287 -34.16 21.80 1.69
N ALA A 288 -33.65 21.95 2.91
CA ALA A 288 -33.76 23.20 3.67
C ALA A 288 -33.06 24.37 2.98
N LEU A 289 -31.89 24.09 2.38
CA LEU A 289 -31.15 25.09 1.60
C LEU A 289 -31.82 25.38 0.26
N LEU A 290 -32.41 24.36 -0.36
CA LEU A 290 -33.14 24.52 -1.62
C LEU A 290 -34.38 25.39 -1.45
N GLU B 1 51.51 13.28 -4.43
CA GLU B 1 51.23 12.27 -3.35
C GLU B 1 49.97 11.46 -3.66
N VAL B 2 49.99 10.19 -3.27
CA VAL B 2 48.90 9.24 -3.54
C VAL B 2 48.06 8.95 -2.30
N ASP B 3 46.79 9.37 -2.34
CA ASP B 3 45.81 9.04 -1.32
C ASP B 3 45.31 7.60 -1.57
N PRO B 4 45.46 6.68 -0.59
CA PRO B 4 44.99 5.30 -0.82
C PRO B 4 43.46 5.14 -0.92
N THR B 5 42.70 6.06 -0.31
CA THR B 5 41.23 6.07 -0.39
C THR B 5 40.67 6.71 -1.67
N HIS B 6 41.53 7.31 -2.50
CA HIS B 6 41.13 7.89 -3.78
C HIS B 6 41.31 6.88 -4.92
N PHE B 7 40.19 6.26 -5.31
CA PHE B 7 40.16 5.22 -6.36
C PHE B 7 39.78 5.87 -7.70
N GLU B 8 40.67 5.75 -8.69
CA GLU B 8 40.39 6.25 -10.05
C GLU B 8 39.36 5.37 -10.74
N LYS B 9 38.45 5.98 -11.48
CA LYS B 9 37.38 5.26 -12.18
C LYS B 9 37.89 4.42 -13.35
N ARG B 10 38.96 4.88 -14.02
CA ARG B 10 39.52 4.19 -15.19
C ARG B 10 40.11 2.82 -14.86
N PHE B 11 40.80 2.72 -13.72
CA PHE B 11 41.39 1.45 -13.26
C PHE B 11 40.33 0.46 -12.72
N LEU B 12 39.21 0.97 -12.23
CA LEU B 12 38.16 0.16 -11.63
C LEU B 12 37.34 -0.56 -12.71
N LYS B 13 37.48 -1.89 -12.79
CA LYS B 13 36.82 -2.73 -13.80
C LYS B 13 35.84 -3.71 -13.15
N ARG B 14 34.64 -3.83 -13.74
CA ARG B 14 33.55 -4.64 -13.16
C ARG B 14 33.77 -6.15 -13.33
N ILE B 15 33.22 -6.92 -12.38
CA ILE B 15 33.19 -8.39 -12.43
C ILE B 15 31.74 -8.91 -12.44
N ARG B 16 30.94 -8.53 -11.45
CA ARG B 16 29.52 -8.90 -11.41
C ARG B 16 28.70 -8.01 -10.47
N ASP B 17 27.38 -8.05 -10.64
CA ASP B 17 26.44 -7.38 -9.73
C ASP B 17 26.21 -8.25 -8.50
N LEU B 18 26.42 -7.66 -7.32
CA LEU B 18 26.25 -8.32 -6.03
C LEU B 18 24.85 -8.12 -5.48
N GLY B 19 24.38 -6.87 -5.50
CA GLY B 19 23.03 -6.52 -5.05
C GLY B 19 22.62 -5.12 -5.46
N GLU B 20 21.34 -4.81 -5.25
CA GLU B 20 20.78 -3.49 -5.55
C GLU B 20 19.81 -3.05 -4.45
N GLY B 21 19.95 -1.81 -4.00
CA GLY B 21 19.20 -1.26 -2.86
C GLY B 21 18.45 0.01 -3.20
N HIS B 22 17.22 -0.13 -3.68
CA HIS B 22 16.31 0.99 -3.99
C HIS B 22 16.80 1.86 -5.16
N PHE B 23 17.84 2.68 -4.92
CA PHE B 23 18.44 3.55 -5.93
C PHE B 23 19.93 3.25 -6.18
N GLY B 24 20.68 2.96 -5.13
CA GLY B 24 22.08 2.52 -5.25
C GLY B 24 22.20 1.07 -5.68
N LYS B 25 23.17 0.80 -6.56
CA LYS B 25 23.50 -0.57 -7.00
C LYS B 25 24.94 -0.91 -6.65
N VAL B 26 25.15 -2.09 -6.08
CA VAL B 26 26.47 -2.54 -5.63
C VAL B 26 27.00 -3.59 -6.59
N GLU B 27 28.21 -3.36 -7.10
CA GLU B 27 28.84 -4.21 -8.11
C GLU B 27 30.23 -4.62 -7.63
N LEU B 28 30.57 -5.90 -7.84
CA LEU B 28 31.93 -6.39 -7.60
C LEU B 28 32.84 -5.88 -8.71
N CYS B 29 33.96 -5.29 -8.32
CA CYS B 29 34.93 -4.75 -9.27
C CYS B 29 36.36 -5.02 -8.83
N ARG B 30 37.24 -5.20 -9.82
CA ARG B 30 38.68 -5.36 -9.60
C ARG B 30 39.36 -4.02 -9.87
N TYR B 31 39.95 -3.43 -8.82
CA TYR B 31 40.73 -2.20 -8.96
C TYR B 31 42.16 -2.58 -9.33
N ASP B 32 42.49 -2.49 -10.62
CA ASP B 32 43.74 -3.00 -11.18
C ASP B 32 44.49 -1.93 -11.99
N PRO B 33 45.29 -1.08 -11.29
CA PRO B 33 46.13 -0.04 -11.94
C PRO B 33 47.13 -0.55 -12.98
N GLU B 34 47.90 -1.58 -12.64
CA GLU B 34 48.95 -2.11 -13.52
C GLU B 34 48.41 -2.83 -14.76
N GLY B 35 47.15 -3.28 -14.70
CA GLY B 35 46.44 -3.79 -15.88
C GLY B 35 46.83 -5.18 -16.30
N ASP B 36 46.83 -6.11 -15.35
CA ASP B 36 47.10 -7.54 -15.61
C ASP B 36 46.27 -8.48 -14.72
N ASN B 37 45.08 -8.04 -14.31
CA ASN B 37 44.17 -8.80 -13.44
C ASN B 37 44.78 -9.34 -12.14
N THR B 38 45.62 -8.50 -11.53
CA THR B 38 46.23 -8.76 -10.22
C THR B 38 45.70 -7.79 -9.15
N GLY B 39 44.69 -6.99 -9.50
CA GLY B 39 44.19 -5.94 -8.63
C GLY B 39 43.33 -6.44 -7.48
N GLU B 40 43.10 -5.56 -6.52
CA GLU B 40 42.29 -5.86 -5.33
C GLU B 40 40.81 -5.88 -5.69
N GLN B 41 40.11 -6.96 -5.31
CA GLN B 41 38.66 -7.05 -5.48
C GLN B 41 37.97 -6.19 -4.42
N VAL B 42 37.17 -5.23 -4.87
CA VAL B 42 36.45 -4.31 -3.97
C VAL B 42 34.97 -4.23 -4.32
N ALA B 43 34.13 -4.08 -3.31
CA ALA B 43 32.70 -3.82 -3.50
C ALA B 43 32.52 -2.35 -3.86
N VAL B 44 31.75 -2.10 -4.92
CA VAL B 44 31.60 -0.75 -5.48
C VAL B 44 30.11 -0.38 -5.56
N LYS B 45 29.67 0.43 -4.60
CA LYS B 45 28.30 0.97 -4.58
C LYS B 45 28.24 2.28 -5.37
N SER B 46 27.18 2.43 -6.15
CA SER B 46 26.99 3.61 -7.01
C SER B 46 25.52 3.75 -7.42
N LEU B 47 25.16 4.94 -7.91
CA LEU B 47 23.76 5.26 -8.23
C LEU B 47 23.27 4.59 -9.51
N LYS B 48 22.09 3.97 -9.44
CA LYS B 48 21.42 3.42 -10.62
C LYS B 48 20.78 4.54 -11.43
N ASN B 54 17.92 13.71 -8.18
CA ASN B 54 19.04 12.81 -7.91
C ASN B 54 19.16 12.44 -6.44
N HIS B 55 19.77 11.27 -6.19
CA HIS B 55 20.03 10.77 -4.83
C HIS B 55 21.54 10.78 -4.50
N ILE B 56 22.25 11.80 -4.99
CA ILE B 56 23.69 11.94 -4.74
C ILE B 56 23.94 12.36 -3.29
N ALA B 57 23.13 13.31 -2.80
CA ALA B 57 23.18 13.76 -1.40
C ALA B 57 22.94 12.62 -0.39
N ASP B 58 22.02 11.71 -0.73
CA ASP B 58 21.76 10.51 0.10
C ASP B 58 22.95 9.56 0.14
N LEU B 59 23.54 9.31 -1.02
CA LEU B 59 24.76 8.47 -1.13
C LEU B 59 25.98 9.12 -0.48
N LYS B 60 26.13 10.44 -0.67
CA LYS B 60 27.21 11.20 -0.01
C LYS B 60 27.09 11.18 1.52
N LYS B 61 25.86 11.26 2.03
CA LYS B 61 25.59 11.10 3.46
C LYS B 61 25.88 9.68 3.94
N GLU B 62 25.50 8.69 3.14
CA GLU B 62 25.84 7.27 3.41
C GLU B 62 27.36 7.04 3.46
N ILE B 63 28.08 7.63 2.51
CA ILE B 63 29.55 7.53 2.45
C ILE B 63 30.21 8.06 3.72
N GLU B 64 29.79 9.26 4.14
CA GLU B 64 30.37 9.91 5.32
C GLU B 64 30.01 9.22 6.64
N ILE B 65 28.84 8.57 6.68
CA ILE B 65 28.48 7.69 7.80
C ILE B 65 29.49 6.54 7.89
N LEU B 66 29.62 5.78 6.79
CA LEU B 66 30.46 4.57 6.77
C LEU B 66 31.96 4.83 6.97
N ARG B 67 32.47 5.93 6.43
CA ARG B 67 33.89 6.31 6.58
C ARG B 67 34.32 6.41 8.05
N ASN B 68 33.44 6.97 8.88
CA ASN B 68 33.72 7.20 10.30
C ASN B 68 33.29 6.08 11.25
N LEU B 69 32.62 5.05 10.74
CA LEU B 69 32.32 3.83 11.52
C LEU B 69 33.55 2.91 11.50
N TYR B 70 34.07 2.59 12.68
CA TYR B 70 35.17 1.62 12.86
C TYR B 70 34.74 0.56 13.87
N HIS B 71 34.46 -0.65 13.37
CA HIS B 71 33.99 -1.76 14.21
C HIS B 71 34.19 -3.09 13.47
N GLU B 72 34.45 -4.16 14.22
CA GLU B 72 34.74 -5.48 13.62
C GLU B 72 33.55 -6.10 12.89
N ASN B 73 32.35 -5.96 13.48
CA ASN B 73 31.08 -6.39 12.85
C ASN B 73 30.39 -5.32 11.99
N ILE B 74 31.16 -4.40 11.41
CA ILE B 74 30.67 -3.44 10.41
C ILE B 74 31.66 -3.46 9.24
N VAL B 75 31.12 -3.41 8.02
CA VAL B 75 31.93 -3.44 6.79
C VAL B 75 32.91 -2.26 6.73
N LYS B 76 34.11 -2.53 6.24
CA LYS B 76 35.17 -1.52 6.15
C LYS B 76 34.96 -0.61 4.95
N TYR B 77 34.97 0.70 5.20
CA TYR B 77 35.14 1.71 4.16
C TYR B 77 36.55 1.56 3.61
N LYS B 78 36.66 1.39 2.29
CA LYS B 78 37.97 1.37 1.61
C LYS B 78 38.29 2.73 0.98
N GLY B 79 37.32 3.31 0.29
CA GLY B 79 37.50 4.62 -0.32
C GLY B 79 36.31 5.14 -1.11
N ILE B 80 36.58 6.14 -1.94
CA ILE B 80 35.59 6.72 -2.86
C ILE B 80 36.15 6.85 -4.27
N CYS B 81 35.26 6.86 -5.25
CA CYS B 81 35.58 7.15 -6.65
C CYS B 81 34.67 8.28 -7.14
N THR B 82 35.27 9.46 -7.33
CA THR B 82 34.53 10.66 -7.76
C THR B 82 34.35 10.68 -9.28
N GLY B 86 32.34 16.03 -13.36
CA GLY B 86 30.99 15.67 -12.91
C GLY B 86 30.86 15.57 -11.41
N ASN B 87 29.62 15.66 -10.94
CA ASN B 87 29.28 15.59 -9.51
C ASN B 87 28.65 14.24 -9.09
N GLY B 88 29.13 13.15 -9.71
CA GLY B 88 28.68 11.79 -9.42
C GLY B 88 29.76 11.07 -8.63
N ILE B 89 29.35 10.32 -7.60
CA ILE B 89 30.28 9.68 -6.66
C ILE B 89 29.96 8.19 -6.48
N LYS B 90 31.01 7.39 -6.24
CA LYS B 90 30.88 5.95 -5.98
C LYS B 90 31.52 5.58 -4.65
N LEU B 91 30.84 4.74 -3.87
CA LEU B 91 31.33 4.26 -2.57
C LEU B 91 32.09 2.94 -2.75
N ILE B 92 33.38 2.93 -2.40
CA ILE B 92 34.23 1.74 -2.50
C ILE B 92 34.38 1.10 -1.12
N MET B 93 33.89 -0.14 -0.98
CA MET B 93 33.93 -0.90 0.26
C MET B 93 34.75 -2.17 0.08
N GLU B 94 35.02 -2.87 1.18
CA GLU B 94 35.74 -4.16 1.15
C GLU B 94 34.82 -5.25 0.60
N PHE B 95 35.44 -6.28 0.01
CA PHE B 95 34.70 -7.40 -0.58
C PHE B 95 34.73 -8.65 0.29
N LEU B 96 33.56 -9.04 0.79
CA LEU B 96 33.38 -10.31 1.51
C LEU B 96 32.89 -11.35 0.49
N PRO B 97 33.76 -12.33 0.12
CA PRO B 97 33.39 -13.27 -0.95
C PRO B 97 32.29 -14.27 -0.59
N SER B 98 32.24 -14.71 0.66
CA SER B 98 31.19 -15.65 1.13
C SER B 98 29.77 -15.09 0.99
N GLY B 99 29.65 -13.76 1.04
CA GLY B 99 28.40 -13.07 0.72
C GLY B 99 27.51 -12.83 1.92
N SER B 100 26.25 -12.51 1.65
CA SER B 100 25.27 -12.24 2.71
C SER B 100 24.72 -13.53 3.29
N LEU B 101 24.06 -13.42 4.45
CA LEU B 101 23.36 -14.54 5.09
C LEU B 101 22.26 -15.13 4.19
N LYS B 102 21.64 -14.29 3.36
CA LYS B 102 20.64 -14.75 2.38
C LYS B 102 21.20 -15.81 1.42
N GLU B 103 22.41 -15.57 0.92
CA GLU B 103 23.10 -16.51 0.02
C GLU B 103 23.89 -17.60 0.76
N TYR B 104 24.50 -17.23 1.88
CA TYR B 104 25.39 -18.13 2.63
C TYR B 104 24.66 -19.23 3.40
N LEU B 105 23.66 -18.85 4.19
CA LEU B 105 22.98 -19.79 5.11
C LEU B 105 22.30 -21.01 4.46
N PRO B 106 21.63 -20.83 3.30
CA PRO B 106 21.08 -22.00 2.58
C PRO B 106 22.16 -22.98 2.09
N LYS B 107 23.26 -22.44 1.58
CA LYS B 107 24.37 -23.24 1.05
C LYS B 107 25.29 -23.86 2.12
N ASN B 108 25.22 -23.37 3.36
CA ASN B 108 26.12 -23.81 4.45
C ASN B 108 25.37 -24.20 5.74
N LYS B 109 24.27 -24.95 5.60
CA LYS B 109 23.51 -25.44 6.76
C LYS B 109 24.28 -26.45 7.61
N ASN B 110 25.16 -27.22 6.98
CA ASN B 110 25.96 -28.25 7.65
C ASN B 110 27.01 -27.66 8.59
N LYS B 111 27.72 -26.62 8.12
CA LYS B 111 28.72 -25.91 8.92
C LYS B 111 28.11 -25.11 10.07
N ILE B 112 27.04 -24.38 9.76
CA ILE B 112 26.42 -23.44 10.70
C ILE B 112 25.36 -24.14 11.58
N ASN B 113 25.65 -24.22 12.88
CA ASN B 113 24.74 -24.77 13.89
C ASN B 113 24.17 -23.68 14.79
N LEU B 114 23.19 -24.07 15.65
CA LEU B 114 22.54 -23.14 16.58
C LEU B 114 23.53 -22.32 17.41
N LYS B 115 24.56 -22.98 17.92
CA LYS B 115 25.63 -22.30 18.68
C LYS B 115 26.31 -21.21 17.85
N GLN B 116 26.60 -21.51 16.58
CA GLN B 116 27.18 -20.53 15.66
C GLN B 116 26.18 -19.45 15.23
N GLN B 117 24.91 -19.83 15.09
CA GLN B 117 23.83 -18.88 14.77
C GLN B 117 23.65 -17.81 15.84
N LEU B 118 23.69 -18.21 17.10
CA LEU B 118 23.61 -17.27 18.22
C LEU B 118 24.86 -16.37 18.33
N LYS B 119 26.02 -16.89 17.93
CA LYS B 119 27.25 -16.07 17.82
C LYS B 119 27.14 -14.99 16.75
N TYR B 120 26.58 -15.34 15.58
CA TYR B 120 26.26 -14.36 14.55
C TYR B 120 25.25 -13.32 15.04
N ALA B 121 24.25 -13.78 15.78
CA ALA B 121 23.21 -12.90 16.35
C ALA B 121 23.78 -11.86 17.32
N VAL B 122 24.69 -12.29 18.20
CA VAL B 122 25.40 -11.39 19.13
C VAL B 122 26.22 -10.36 18.35
N GLN B 123 26.94 -10.82 17.33
CA GLN B 123 27.78 -9.96 16.48
C GLN B 123 27.02 -8.86 15.75
N ILE B 124 25.79 -9.16 15.33
CA ILE B 124 24.89 -8.17 14.72
C ILE B 124 24.51 -7.11 15.76
N CYS B 125 24.10 -7.56 16.94
CA CYS B 125 23.74 -6.67 18.06
C CYS B 125 24.89 -5.75 18.47
N LYS B 126 26.10 -6.30 18.53
CA LYS B 126 27.31 -5.53 18.82
C LYS B 126 27.58 -4.43 17.77
N GLY B 127 27.31 -4.76 16.51
CA GLY B 127 27.38 -3.78 15.42
C GLY B 127 26.28 -2.73 15.49
N MET B 128 25.07 -3.17 15.79
CA MET B 128 23.90 -2.27 15.90
C MET B 128 23.92 -1.39 17.15
N ASP B 129 24.45 -1.90 18.26
CA ASP B 129 24.61 -1.12 19.48
C ASP B 129 25.68 -0.04 19.32
N TYR B 130 26.77 -0.38 18.63
CA TYR B 130 27.81 0.59 18.22
C TYR B 130 27.21 1.68 17.33
N LEU B 131 26.37 1.26 16.38
CA LEU B 131 25.69 2.18 15.46
C LEU B 131 24.70 3.09 16.20
N GLY B 132 23.89 2.49 17.07
CA GLY B 132 22.93 3.23 17.90
C GLY B 132 23.55 4.20 18.88
N SER B 133 24.68 3.82 19.48
CA SER B 133 25.44 4.68 20.39
C SER B 133 26.09 5.89 19.71
N ARG B 134 26.32 5.79 18.40
CA ARG B 134 26.82 6.93 17.59
C ARG B 134 25.71 7.78 16.92
N GLN B 135 24.52 7.79 17.53
CA GLN B 135 23.39 8.65 17.12
C GLN B 135 22.87 8.38 15.70
N TYR B 136 22.99 7.14 15.23
CA TYR B 136 22.50 6.72 13.91
C TYR B 136 21.40 5.67 14.05
N VAL B 137 20.52 5.63 13.04
CA VAL B 137 19.43 4.64 12.97
C VAL B 137 19.46 3.98 11.57
N HIS B 138 19.46 2.65 11.55
CA HIS B 138 19.80 1.87 10.33
C HIS B 138 18.65 1.83 9.32
N ARG B 139 17.45 1.50 9.79
CA ARG B 139 16.21 1.50 8.99
C ARG B 139 16.13 0.43 7.87
N ASP B 140 16.94 -0.62 7.98
CA ASP B 140 17.02 -1.67 6.94
C ASP B 140 17.75 -2.95 7.38
N LEU B 141 17.61 -3.33 8.65
CA LEU B 141 18.33 -4.49 9.19
C LEU B 141 17.61 -5.77 8.78
N ALA B 142 18.18 -6.45 7.79
CA ALA B 142 17.69 -7.75 7.32
C ALA B 142 18.88 -8.63 6.92
N ALA B 143 18.61 -9.92 6.79
CA ALA B 143 19.65 -10.93 6.50
C ALA B 143 20.45 -10.66 5.23
N ARG B 144 19.77 -10.13 4.20
CA ARG B 144 20.41 -9.69 2.95
C ARG B 144 21.50 -8.61 3.13
N ASN B 145 21.38 -7.80 4.18
CA ASN B 145 22.40 -6.78 4.54
C ASN B 145 23.48 -7.24 5.52
N VAL B 146 23.27 -8.38 6.18
CA VAL B 146 24.26 -8.98 7.08
C VAL B 146 25.20 -9.87 6.27
N LEU B 147 26.47 -9.45 6.17
CA LEU B 147 27.50 -10.19 5.43
C LEU B 147 28.24 -11.22 6.26
N VAL B 148 28.94 -12.11 5.56
CA VAL B 148 29.72 -13.19 6.16
C VAL B 148 31.21 -12.97 5.83
N GLU B 149 31.98 -12.54 6.83
CA GLU B 149 33.44 -12.40 6.70
C GLU B 149 34.09 -13.79 6.63
N SER B 150 33.78 -14.60 7.64
CA SER B 150 34.23 -15.99 7.72
C SER B 150 33.12 -16.82 8.37
N GLU B 151 33.37 -18.10 8.61
CA GLU B 151 32.42 -18.96 9.32
C GLU B 151 32.15 -18.52 10.77
N HIS B 152 33.11 -17.81 11.37
CA HIS B 152 33.01 -17.34 12.77
C HIS B 152 32.68 -15.85 12.94
N GLN B 153 32.62 -15.09 11.83
CA GLN B 153 32.42 -13.64 11.87
C GLN B 153 31.39 -13.15 10.84
N VAL B 154 30.49 -12.27 11.28
CA VAL B 154 29.57 -11.55 10.38
C VAL B 154 29.70 -10.03 10.55
N LYS B 155 29.35 -9.31 9.48
CA LYS B 155 29.36 -7.85 9.46
C LYS B 155 28.07 -7.30 8.85
N ILE B 156 27.70 -6.08 9.24
CA ILE B 156 26.60 -5.36 8.62
C ILE B 156 27.20 -4.65 7.40
N GLY B 157 26.73 -5.00 6.21
CA GLY B 157 27.33 -4.56 4.94
C GLY B 157 26.50 -3.64 4.06
N ASP B 158 25.61 -2.85 4.68
CA ASP B 158 24.84 -1.85 3.95
C ASP B 158 24.28 -0.80 4.90
N PHE B 159 24.36 0.46 4.49
CA PHE B 159 23.86 1.60 5.29
C PHE B 159 23.16 2.63 4.39
N GLY B 160 22.41 2.14 3.40
CA GLY B 160 21.75 2.99 2.41
C GLY B 160 20.56 3.77 2.94
N LEU B 161 19.85 3.20 3.91
CA LEU B 161 18.75 3.88 4.60
C LEU B 161 19.15 4.43 5.99
N THR B 162 20.44 4.40 6.31
CA THR B 162 20.93 4.83 7.63
C THR B 162 20.85 6.34 7.74
N LYS B 163 20.20 6.81 8.81
CA LYS B 163 19.97 8.24 9.05
C LYS B 163 20.38 8.61 10.47
N ALA B 164 20.77 9.87 10.66
CA ALA B 164 21.13 10.39 11.98
C ALA B 164 19.88 10.80 12.75
N ILE B 165 19.80 10.41 14.02
CA ILE B 165 18.73 10.87 14.92
C ILE B 165 18.92 12.37 15.19
N GLU B 166 17.81 13.10 15.13
CA GLU B 166 17.83 14.57 15.12
C GLU B 166 18.13 15.17 16.50
N THR B 167 18.36 16.48 16.52
CA THR B 167 18.72 17.21 17.74
C THR B 167 17.54 17.32 18.72
N ASP B 168 17.80 16.93 19.97
CA ASP B 168 16.80 16.96 21.07
C ASP B 168 15.54 16.13 20.78
N LYS B 169 15.71 15.03 20.04
CA LYS B 169 14.61 14.14 19.64
C LYS B 169 15.09 12.69 19.66
N GLU B 170 14.17 11.77 19.98
CA GLU B 170 14.49 10.34 20.10
C GLU B 170 14.10 9.51 18.85
N PTR B 171 13.82 10.17 17.73
CA PTR B 171 13.50 9.47 16.47
C PTR B 171 13.79 10.32 15.26
O PTR B 171 13.90 11.55 15.34
CB PTR B 171 12.06 9.01 16.46
CG PTR B 171 11.01 10.09 16.69
CD1 PTR B 171 10.51 10.31 17.97
CD2 PTR B 171 10.50 10.83 15.62
CE1 PTR B 171 9.54 11.29 18.20
CE2 PTR B 171 9.52 11.81 15.84
CZ PTR B 171 9.04 12.04 17.13
OH PTR B 171 8.08 13.00 17.36
P PTR B 171 8.33 14.58 17.13
O1P PTR B 171 8.14 14.78 15.65
O2P PTR B 171 7.28 15.23 17.98
O3P PTR B 171 9.74 14.81 17.62
N PTR B 172 13.92 9.64 14.11
CA PTR B 172 14.10 10.30 12.81
C PTR B 172 12.76 10.33 12.12
O PTR B 172 12.14 9.28 11.91
CB PTR B 172 15.11 9.52 11.95
CG PTR B 172 15.23 10.15 10.58
CD1 PTR B 172 14.74 9.50 9.45
CD2 PTR B 172 15.84 11.41 10.43
CE1 PTR B 172 14.86 10.09 8.19
CE2 PTR B 172 15.95 12.00 9.17
CZ PTR B 172 15.46 11.33 8.02
OH PTR B 172 15.53 11.84 6.74
P PTR B 172 16.26 13.20 6.26
O1P PTR B 172 16.10 13.18 4.76
O2P PTR B 172 15.50 14.30 6.96
O3P PTR B 172 17.69 13.04 6.73
N THR B 173 12.31 11.54 11.77
CA THR B 173 11.05 11.72 11.05
C THR B 173 11.23 11.33 9.58
N VAL B 174 10.66 10.18 9.21
CA VAL B 174 10.82 9.61 7.86
C VAL B 174 9.94 10.39 6.88
N LYS B 175 10.54 10.85 5.79
CA LYS B 175 9.82 11.56 4.73
C LYS B 175 9.56 10.62 3.56
N ASP B 176 10.63 10.12 2.95
CA ASP B 176 10.54 9.22 1.79
C ASP B 176 10.57 7.77 2.26
N ASP B 177 9.58 6.99 1.83
CA ASP B 177 9.45 5.59 2.21
C ASP B 177 8.68 4.78 1.15
N ARG B 178 9.14 4.91 -0.10
CA ARG B 178 8.51 4.25 -1.25
C ARG B 178 8.77 2.75 -1.23
N ASP B 179 10.04 2.38 -1.20
CA ASP B 179 10.47 0.97 -1.12
C ASP B 179 11.06 0.71 0.27
N SER B 180 10.18 0.46 1.24
CA SER B 180 10.56 0.13 2.62
C SER B 180 10.25 -1.35 2.92
N PRO B 181 11.16 -2.04 3.64
CA PRO B 181 10.87 -3.41 4.08
C PRO B 181 9.82 -3.45 5.19
N VAL B 182 8.55 -3.45 4.80
CA VAL B 182 7.43 -3.36 5.75
C VAL B 182 7.30 -4.56 6.71
N PHE B 183 7.71 -5.73 6.24
CA PHE B 183 7.68 -6.96 7.07
C PHE B 183 8.86 -7.08 8.05
N TRP B 184 9.86 -6.21 7.91
CA TRP B 184 10.95 -6.06 8.90
C TRP B 184 10.76 -4.84 9.81
N TYR B 185 9.66 -4.09 9.61
CA TYR B 185 9.43 -2.79 10.24
C TYR B 185 8.43 -2.90 11.40
N ALA B 186 8.69 -2.15 12.47
CA ALA B 186 7.81 -2.12 13.65
C ALA B 186 6.54 -1.29 13.38
N PRO B 187 5.47 -1.47 14.18
CA PRO B 187 4.21 -0.73 14.00
C PRO B 187 4.32 0.79 13.90
N GLU B 188 5.08 1.42 14.80
CA GLU B 188 5.28 2.89 14.77
C GLU B 188 5.95 3.40 13.48
N CYS B 189 6.78 2.57 12.85
CA CYS B 189 7.37 2.87 11.54
C CYS B 189 6.34 2.78 10.42
N LEU B 190 5.46 1.78 10.50
CA LEU B 190 4.38 1.61 9.52
C LEU B 190 3.28 2.65 9.73
N MET B 191 2.77 2.72 10.95
CA MET B 191 1.67 3.62 11.32
C MET B 191 2.07 5.10 11.25
N GLN B 192 2.87 5.55 12.23
CA GLN B 192 3.20 6.97 12.40
C GLN B 192 4.35 7.47 11.51
N SER B 193 5.09 6.55 10.91
CA SER B 193 6.21 6.88 9.99
C SER B 193 7.34 7.66 10.67
N LYS B 194 7.71 7.22 11.88
CA LYS B 194 8.78 7.82 12.67
C LYS B 194 9.63 6.72 13.28
N PHE B 195 10.92 6.73 12.97
CA PHE B 195 11.81 5.59 13.23
C PHE B 195 12.74 5.81 14.44
N TYR B 196 12.65 4.89 15.41
CA TYR B 196 13.43 4.94 16.66
C TYR B 196 14.61 3.96 16.60
N ILE B 197 15.43 3.92 17.65
CA ILE B 197 16.43 2.85 17.84
C ILE B 197 15.72 1.54 18.22
N ALA B 198 14.70 1.65 19.07
CA ALA B 198 13.84 0.50 19.42
C ALA B 198 13.17 -0.17 18.21
N SER B 199 12.97 0.61 17.14
CA SER B 199 12.53 0.08 15.86
C SER B 199 13.53 -0.90 15.25
N ASP B 200 14.82 -0.54 15.29
CA ASP B 200 15.90 -1.43 14.81
C ASP B 200 15.99 -2.76 15.56
N VAL B 201 15.55 -2.78 16.83
CA VAL B 201 15.45 -4.02 17.61
C VAL B 201 14.41 -4.97 16.98
N TRP B 202 13.25 -4.41 16.60
CA TRP B 202 12.23 -5.17 15.85
C TRP B 202 12.82 -5.76 14.58
N SER B 203 13.55 -4.93 13.84
CA SER B 203 14.23 -5.35 12.60
C SER B 203 15.26 -6.46 12.83
N PHE B 204 15.98 -6.39 13.95
CA PHE B 204 16.89 -7.48 14.37
C PHE B 204 16.12 -8.77 14.66
N GLY B 205 14.99 -8.64 15.37
CA GLY B 205 14.12 -9.78 15.69
C GLY B 205 13.72 -10.57 14.46
N VAL B 206 13.39 -9.86 13.38
CA VAL B 206 13.04 -10.49 12.10
C VAL B 206 14.29 -11.05 11.40
N THR B 207 15.40 -10.32 11.48
CA THR B 207 16.71 -10.81 11.00
C THR B 207 17.16 -12.09 11.75
N LEU B 208 16.88 -12.14 13.05
CA LEU B 208 17.15 -13.31 13.88
C LEU B 208 16.29 -14.51 13.47
N HIS B 209 15.04 -14.25 13.13
CA HIS B 209 14.13 -15.27 12.59
C HIS B 209 14.63 -15.79 11.24
N GLU B 210 15.00 -14.86 10.37
CA GLU B 210 15.66 -15.18 9.09
C GLU B 210 16.92 -16.04 9.26
N LEU B 211 17.73 -15.69 10.26
CA LEU B 211 18.97 -16.41 10.57
C LEU B 211 18.69 -17.84 11.04
N LEU B 212 17.78 -17.97 12.00
CA LEU B 212 17.38 -19.28 12.54
C LEU B 212 16.68 -20.22 11.53
N THR B 213 16.02 -19.63 10.53
CA THR B 213 15.41 -20.40 9.42
C THR B 213 16.37 -20.65 8.24
N TYR B 214 17.64 -20.27 8.38
CA TYR B 214 18.67 -20.39 7.33
C TYR B 214 18.32 -19.65 6.03
N CYS B 215 17.61 -18.53 6.16
CA CYS B 215 17.17 -17.70 5.02
C CYS B 215 16.46 -18.49 3.91
N ASP B 216 15.52 -19.34 4.30
CA ASP B 216 14.68 -20.06 3.34
C ASP B 216 13.62 -19.11 2.81
N SER B 217 13.49 -19.05 1.48
CA SER B 217 12.54 -18.16 0.81
C SER B 217 11.09 -18.59 1.05
N ASP B 218 10.85 -19.91 1.12
CA ASP B 218 9.51 -20.45 1.41
C ASP B 218 8.98 -20.11 2.81
N SER B 219 9.90 -19.87 3.76
CA SER B 219 9.55 -19.42 5.12
C SER B 219 10.22 -18.09 5.47
N SER B 220 10.26 -17.17 4.51
CA SER B 220 10.79 -15.81 4.74
C SER B 220 9.77 -14.99 5.54
N PRO B 221 10.18 -13.82 6.09
CA PRO B 221 9.21 -12.94 6.77
C PRO B 221 8.09 -12.45 5.86
N MET B 222 8.44 -12.01 4.65
CA MET B 222 7.45 -11.63 3.63
C MET B 222 6.48 -12.78 3.34
N ALA B 223 7.04 -13.96 3.07
CA ALA B 223 6.25 -15.16 2.74
C ALA B 223 5.32 -15.61 3.86
N LEU B 224 5.82 -15.61 5.09
CA LEU B 224 5.04 -16.05 6.27
C LEU B 224 3.92 -15.07 6.63
N PHE B 225 4.25 -13.77 6.67
CA PHE B 225 3.24 -12.73 6.92
C PHE B 225 2.15 -12.73 5.85
N LEU B 226 2.55 -12.87 4.58
CA LEU B 226 1.59 -13.00 3.46
C LEU B 226 0.67 -14.22 3.57
N LYS B 227 1.16 -15.31 4.15
CA LYS B 227 0.32 -16.49 4.43
C LYS B 227 -0.73 -16.21 5.51
N MET B 228 -0.36 -15.40 6.51
CA MET B 228 -1.28 -14.99 7.59
C MET B 228 -2.29 -13.94 7.11
N ILE B 229 -1.79 -12.82 6.60
CA ILE B 229 -2.63 -11.66 6.24
C ILE B 229 -3.42 -11.87 4.93
N GLY B 230 -2.78 -12.49 3.95
CA GLY B 230 -3.35 -12.72 2.62
C GLY B 230 -2.34 -12.39 1.54
N PRO B 231 -2.18 -13.27 0.52
CA PRO B 231 -1.10 -13.11 -0.46
C PRO B 231 -1.27 -11.96 -1.46
N THR B 232 -2.51 -11.70 -1.88
CA THR B 232 -2.80 -10.74 -2.97
C THR B 232 -3.80 -9.66 -2.53
N HIS B 233 -3.32 -8.69 -1.77
CA HIS B 233 -4.09 -7.49 -1.39
C HIS B 233 -3.49 -6.16 -1.86
N GLY B 234 -2.20 -6.15 -2.23
CA GLY B 234 -1.58 -4.98 -2.89
C GLY B 234 -1.42 -3.75 -2.04
N GLN B 235 -2.23 -2.72 -2.32
CA GLN B 235 -2.17 -1.42 -1.62
C GLN B 235 -2.57 -1.50 -0.14
N MET B 236 -3.51 -2.40 0.18
CA MET B 236 -4.00 -2.60 1.55
C MET B 236 -3.11 -3.48 2.44
N THR B 237 -2.11 -4.14 1.83
CA THR B 237 -1.19 -5.06 2.54
C THR B 237 -0.60 -4.51 3.84
N VAL B 238 -0.16 -3.25 3.82
CA VAL B 238 0.52 -2.64 4.99
C VAL B 238 -0.48 -2.33 6.11
N THR B 239 -1.66 -1.84 5.76
CA THR B 239 -2.72 -1.57 6.75
C THR B 239 -3.30 -2.88 7.31
N ARG B 240 -3.38 -3.91 6.47
CA ARG B 240 -3.70 -5.28 6.90
C ARG B 240 -2.64 -5.82 7.85
N LEU B 241 -1.37 -5.62 7.49
CA LEU B 241 -0.21 -6.04 8.28
C LEU B 241 -0.20 -5.44 9.70
N VAL B 242 -0.54 -4.15 9.81
CA VAL B 242 -0.65 -3.48 11.11
C VAL B 242 -1.80 -4.08 11.93
N ASN B 243 -2.97 -4.23 11.31
CA ASN B 243 -4.15 -4.81 11.96
C ASN B 243 -3.95 -6.23 12.49
N THR B 244 -3.10 -6.99 11.82
CA THR B 244 -2.68 -8.33 12.27
C THR B 244 -1.78 -8.24 13.51
N LEU B 245 -0.81 -7.34 13.46
CA LEU B 245 0.07 -7.05 14.62
C LEU B 245 -0.69 -6.42 15.80
N LYS B 246 -1.74 -5.65 15.50
CA LYS B 246 -2.62 -5.09 16.54
C LYS B 246 -3.37 -6.17 17.33
N GLU B 247 -3.89 -7.17 16.63
CA GLU B 247 -4.54 -8.34 17.25
C GLU B 247 -3.61 -9.11 18.19
N GLY B 248 -2.31 -9.15 17.84
CA GLY B 248 -1.27 -9.82 18.63
C GLY B 248 -0.84 -11.11 17.98
N LYS B 249 -0.46 -11.02 16.70
CA LYS B 249 -0.07 -12.16 15.89
C LYS B 249 1.33 -11.92 15.32
N ARG B 250 2.30 -12.69 15.82
CA ARG B 250 3.71 -12.56 15.45
C ARG B 250 4.15 -13.73 14.57
N LEU B 251 5.38 -13.67 14.08
CA LEU B 251 6.00 -14.78 13.35
C LEU B 251 6.18 -15.96 14.28
N PRO B 252 5.82 -17.18 13.82
CA PRO B 252 5.94 -18.36 14.70
C PRO B 252 7.38 -18.78 14.94
N CYS B 253 7.59 -19.60 15.96
CA CYS B 253 8.91 -20.12 16.30
C CYS B 253 9.42 -20.98 15.15
N PRO B 254 10.69 -20.76 14.72
CA PRO B 254 11.25 -21.63 13.67
C PRO B 254 11.34 -23.12 14.07
N PRO B 255 11.48 -24.02 13.08
CA PRO B 255 11.65 -25.43 13.43
C PRO B 255 13.06 -25.70 13.96
N ASN B 256 13.13 -26.50 15.03
CA ASN B 256 14.37 -26.75 15.77
C ASN B 256 14.98 -25.49 16.41
N CYS B 257 14.13 -24.59 16.88
CA CYS B 257 14.53 -23.38 17.61
C CYS B 257 14.00 -23.48 19.04
N PRO B 258 14.87 -23.32 20.06
CA PRO B 258 14.39 -23.37 21.45
C PRO B 258 13.46 -22.22 21.85
N ASP B 259 12.64 -22.47 22.87
CA ASP B 259 11.70 -21.45 23.39
C ASP B 259 12.43 -20.31 24.09
N GLU B 260 13.57 -20.62 24.74
CA GLU B 260 14.42 -19.61 25.37
C GLU B 260 15.05 -18.63 24.35
N VAL B 261 15.31 -19.12 23.13
CA VAL B 261 15.76 -18.28 22.01
C VAL B 261 14.57 -17.46 21.49
N TYR B 262 13.46 -18.16 21.21
CA TYR B 262 12.24 -17.55 20.67
C TYR B 262 11.61 -16.50 21.60
N GLN B 263 11.73 -16.68 22.91
CA GLN B 263 11.22 -15.70 23.89
C GLN B 263 12.01 -14.38 23.86
N LEU B 264 13.32 -14.46 23.65
CA LEU B 264 14.16 -13.27 23.45
C LEU B 264 13.84 -12.59 22.10
N MET B 265 13.52 -13.40 21.09
CA MET B 265 13.03 -12.90 19.79
C MET B 265 11.66 -12.22 19.94
N ARG B 266 10.79 -12.81 20.77
CA ARG B 266 9.48 -12.21 21.10
C ARG B 266 9.59 -10.87 21.84
N LYS B 267 10.61 -10.75 22.70
CA LYS B 267 10.89 -9.47 23.40
C LYS B 267 11.30 -8.33 22.46
N CYS B 268 11.86 -8.67 21.30
CA CYS B 268 12.12 -7.69 20.23
C CYS B 268 10.85 -7.19 19.54
N TRP B 269 9.74 -7.91 19.67
CA TRP B 269 8.46 -7.54 19.04
C TRP B 269 7.35 -7.17 20.03
N GLU B 270 7.70 -6.51 21.14
CA GLU B 270 6.70 -5.87 22.01
C GLU B 270 6.15 -4.65 21.28
N PHE B 271 4.84 -4.41 21.40
CA PHE B 271 4.14 -3.41 20.56
C PHE B 271 4.69 -2.00 20.73
N GLN B 272 4.68 -1.50 21.96
CA GLN B 272 5.22 -0.17 22.28
C GLN B 272 6.76 -0.22 22.35
N PRO B 273 7.46 0.72 21.68
CA PRO B 273 8.94 0.75 21.75
C PRO B 273 9.54 1.03 23.14
N SER B 274 8.82 1.79 23.98
CA SER B 274 9.29 2.14 25.33
C SER B 274 9.55 0.93 26.23
N ASN B 275 8.71 -0.11 26.12
CA ASN B 275 8.91 -1.37 26.85
C ASN B 275 9.35 -2.54 25.92
N ARG B 276 10.32 -2.24 25.04
CA ARG B 276 10.98 -3.25 24.20
C ARG B 276 12.41 -3.44 24.72
N THR B 277 12.95 -4.64 24.53
CA THR B 277 14.34 -4.94 24.89
C THR B 277 15.34 -4.19 24.00
N SER B 278 16.60 -4.12 24.43
CA SER B 278 17.66 -3.44 23.65
C SER B 278 18.74 -4.42 23.21
N PHE B 279 19.72 -3.90 22.45
CA PHE B 279 20.81 -4.72 21.91
C PHE B 279 21.78 -5.22 22.97
N GLN B 280 22.19 -4.34 23.88
CA GLN B 280 23.08 -4.71 24.99
C GLN B 280 22.42 -5.74 25.92
N ASN B 281 21.10 -5.62 26.09
CA ASN B 281 20.30 -6.61 26.83
C ASN B 281 20.26 -7.97 26.12
N LEU B 282 20.08 -7.93 24.79
CA LEU B 282 20.07 -9.14 23.96
C LEU B 282 21.40 -9.90 23.96
N ILE B 283 22.52 -9.17 24.01
CA ILE B 283 23.86 -9.78 24.10
C ILE B 283 23.98 -10.62 25.38
N GLU B 284 23.53 -10.06 26.50
CA GLU B 284 23.50 -10.79 27.79
C GLU B 284 22.60 -12.03 27.74
N GLY B 285 21.48 -11.93 27.02
CA GLY B 285 20.55 -13.04 26.85
C GLY B 285 21.08 -14.20 26.03
N PHE B 286 21.70 -13.90 24.89
CA PHE B 286 22.26 -14.93 23.99
C PHE B 286 23.49 -15.61 24.61
N GLU B 287 24.39 -14.81 25.17
CA GLU B 287 25.62 -15.32 25.82
C GLU B 287 25.36 -16.25 27.00
N ALA B 288 24.25 -16.03 27.72
CA ALA B 288 23.80 -16.94 28.79
C ALA B 288 23.47 -18.35 28.25
N LEU B 289 22.83 -18.39 27.08
CA LEU B 289 22.52 -19.66 26.40
C LEU B 289 23.78 -20.34 25.82
N LEU B 290 24.73 -19.53 25.33
CA LEU B 290 26.03 -20.02 24.83
C LEU B 290 26.91 -20.69 25.92
N LYS B 291 26.62 -20.41 27.19
CA LYS B 291 27.20 -21.13 28.33
C LYS B 291 28.70 -20.84 28.50
C2 NTW C . -17.33 2.29 -13.43
C3 NTW C . -18.26 1.62 -14.22
C4 NTW C . -18.93 2.52 -15.27
C6 NTW C . -19.43 1.67 -16.44
C7 NTW C . -20.06 2.55 -17.51
C8 NTW C . -21.30 3.21 -16.90
C11 NTW C . -20.13 3.24 -14.66
C12 NTW C . -22.09 3.99 -17.94
C18 NTW C . -24.12 4.53 -19.35
C23 NTW C . -24.48 1.59 -17.02
C24 NTW C . -23.49 3.67 -18.32
N1 NTW C . -16.56 2.91 -12.85
C10 NTW C . -20.84 4.09 -15.71
C13 NTW C . -21.49 5.04 -18.57
C14 NTW C . -22.14 5.82 -19.55
O15 NTW C . -21.53 6.75 -20.06
N16 NTW C . -23.42 5.58 -19.92
N19 NTW C . -25.34 4.10 -19.54
N20 NTW C . -25.56 3.00 -18.72
C22 NTW C . -24.48 2.73 -17.99
C2 NTW D . 21.56 -4.66 -0.33
C3 NTW D . 22.82 -4.26 -0.74
C4 NTW D . 23.84 -5.42 -0.82
C6 NTW D . 24.95 -5.04 -1.79
C7 NTW D . 25.95 -6.18 -1.92
C8 NTW D . 26.62 -6.36 -0.55
C11 NTW D . 24.45 -5.66 0.56
C12 NTW D . 27.74 -7.38 -0.65
C18 NTW D . 30.12 -8.19 -0.44
C23 NTW D . 29.54 -4.58 0.51
C24 NTW D . 29.15 -7.08 -0.30
N1 NTW D . 20.50 -5.05 -0.16
C10 NTW D . 25.55 -6.73 0.49
C13 NTW D . 27.44 -8.64 -1.07
C14 NTW D . 28.41 -9.65 -1.19
O15 NTW D . 28.06 -10.75 -1.59
N16 NTW D . 29.70 -9.44 -0.90
N19 NTW D . 31.29 -7.74 -0.10
N20 NTW D . 31.19 -6.41 0.27
C22 NTW D . 29.91 -6.00 0.16
#